data_5JJ2
#
_entry.id   5JJ2
#
_cell.length_a   56.250
_cell.length_b   60.260
_cell.length_c   65.540
_cell.angle_alpha   90.00
_cell.angle_beta   90.00
_cell.angle_gamma   90.00
#
_symmetry.space_group_name_H-M   'P 21 21 21'
#
loop_
_entity.id
_entity.type
_entity.pdbx_description
1 polymer 'A-kinase anchor protein 7 isoform gamma'
2 non-polymer 'MALONATE ION'
3 water water
#
_entity_poly.entity_id   1
_entity_poly.type   'polypeptide(L)'
_entity_poly.pdbx_seq_one_letter_code
;RKKKRKDYQPNYFLSIPITNKEIIKGIKILQNAIIQQDERLAKAMVSDGSFHITLLVMQLLNEDEVNIGIDALLELKPFI
EELLQGKHLTLPFQGIGTFGNQVGFVKLAEGDHVNSLLEIAETANRTFQEKGILVGESRSFKPHLTFMKLSKSPWLRKNG
VKKIDPDLYEKFISHRFGEEILYRIDLCSMLKKKQSNGYYHCESSIVIGEK
;
_entity_poly.pdbx_strand_id   A
#
loop_
_chem_comp.id
_chem_comp.type
_chem_comp.name
_chem_comp.formula
MLI non-polymer 'MALONATE ION' 'C3 H2 O4 -2'
#
# COMPACT_ATOMS: atom_id res chain seq x y z
N ARG A 1 -24.36 19.51 -5.81
CA ARG A 1 -23.03 19.58 -6.38
C ARG A 1 -22.05 18.68 -5.62
N LYS A 2 -22.07 18.81 -4.30
CA LYS A 2 -21.13 18.12 -3.43
C LYS A 2 -21.44 16.64 -3.27
N LYS A 3 -22.44 16.09 -3.96
CA LYS A 3 -22.96 14.77 -3.60
C LYS A 3 -22.05 13.64 -4.04
N LYS A 4 -21.65 13.60 -5.31
CA LYS A 4 -20.83 12.47 -5.77
C LYS A 4 -19.50 12.45 -5.02
N ARG A 5 -18.95 13.61 -4.69
CA ARG A 5 -17.77 13.64 -3.83
C ARG A 5 -18.13 13.29 -2.39
N LYS A 6 -19.33 13.66 -1.94
CA LYS A 6 -19.76 13.26 -0.59
C LYS A 6 -19.88 11.76 -0.47
N ASP A 7 -20.41 11.10 -1.51
CA ASP A 7 -20.69 9.66 -1.47
C ASP A 7 -19.49 8.80 -1.87
N TYR A 8 -18.42 9.43 -2.36
CA TYR A 8 -17.22 8.73 -2.85
C TYR A 8 -16.71 7.70 -1.86
N GLN A 9 -16.41 6.50 -2.37
CA GLN A 9 -15.82 5.43 -1.58
C GLN A 9 -14.84 4.70 -2.50
N PRO A 10 -13.53 4.83 -2.27
N PRO A 10 -13.53 4.80 -2.27
CA PRO A 10 -12.56 4.13 -3.13
CA PRO A 10 -12.58 4.15 -3.17
C PRO A 10 -12.84 2.63 -3.18
C PRO A 10 -12.77 2.63 -3.18
N ASN A 11 -12.62 2.04 -4.36
CA ASN A 11 -12.76 0.61 -4.56
C ASN A 11 -11.61 -0.02 -5.34
N TYR A 12 -10.65 0.78 -5.81
CA TYR A 12 -9.46 0.30 -6.52
C TYR A 12 -8.25 1.07 -6.03
N PHE A 13 -7.05 0.53 -6.29
CA PHE A 13 -5.82 1.20 -5.90
C PHE A 13 -4.65 0.76 -6.75
N LEU A 14 -3.67 1.65 -6.91
CA LEU A 14 -2.37 1.27 -7.47
C LEU A 14 -1.50 0.68 -6.39
N SER A 15 -0.83 -0.44 -6.69
CA SER A 15 -0.14 -1.24 -5.69
C SER A 15 1.27 -1.62 -6.14
N ILE A 16 2.25 -1.40 -5.26
CA ILE A 16 3.59 -1.97 -5.40
C ILE A 16 3.61 -3.25 -4.56
N PRO A 17 3.66 -4.44 -5.17
CA PRO A 17 3.72 -5.67 -4.35
C PRO A 17 5.08 -5.81 -3.69
N ILE A 18 5.11 -6.40 -2.49
CA ILE A 18 6.36 -6.78 -1.86
C ILE A 18 6.77 -8.15 -2.39
N THR A 19 7.97 -8.24 -2.98
CA THR A 19 8.50 -9.50 -3.49
C THR A 19 9.80 -9.93 -2.82
N ASN A 20 10.48 -9.04 -2.10
CA ASN A 20 11.70 -9.42 -1.40
C ASN A 20 11.34 -10.29 -0.20
N LYS A 21 11.79 -11.55 -0.21
CA LYS A 21 11.44 -12.48 0.84
C LYS A 21 11.99 -12.08 2.20
N GLU A 22 13.09 -11.33 2.23
CA GLU A 22 13.60 -10.82 3.51
C GLU A 22 12.58 -9.91 4.18
N ILE A 23 11.93 -9.03 3.40
CA ILE A 23 10.90 -8.16 3.98
C ILE A 23 9.71 -8.99 4.45
N ILE A 24 9.24 -9.90 3.60
CA ILE A 24 8.04 -10.70 3.91
C ILE A 24 8.25 -11.47 5.22
N LYS A 25 9.40 -12.14 5.34
CA LYS A 25 9.68 -12.91 6.54
C LYS A 25 9.81 -12.02 7.78
N GLY A 26 10.46 -10.87 7.63
CA GLY A 26 10.62 -9.95 8.76
C GLY A 26 9.28 -9.43 9.27
N ILE A 27 8.37 -9.09 8.35
CA ILE A 27 7.04 -8.62 8.76
C ILE A 27 6.27 -9.74 9.46
N LYS A 28 6.38 -10.98 8.97
CA LYS A 28 5.70 -12.10 9.62
C LYS A 28 6.21 -12.28 11.04
N ILE A 29 7.53 -12.16 11.25
CA ILE A 29 8.11 -12.28 12.58
C ILE A 29 7.59 -11.18 13.51
N LEU A 30 7.54 -9.95 13.01
CA LEU A 30 6.95 -8.83 13.75
C LEU A 30 5.51 -9.14 14.16
N GLN A 31 4.69 -9.58 13.20
CA GLN A 31 3.30 -9.94 13.52
C GLN A 31 3.23 -11.01 14.59
N ASN A 32 4.06 -12.06 14.47
CA ASN A 32 4.03 -13.15 15.43
C ASN A 32 4.46 -12.69 16.82
N ALA A 33 5.44 -11.78 16.88
CA ALA A 33 5.90 -11.26 18.17
C ALA A 33 4.79 -10.46 18.86
N ILE A 34 3.97 -9.75 18.08
CA ILE A 34 2.83 -9.02 18.65
C ILE A 34 1.77 -9.99 19.16
N ILE A 35 1.42 -10.99 18.34
CA ILE A 35 0.44 -12.01 18.73
C ILE A 35 0.84 -12.67 20.04
N GLN A 36 2.13 -12.97 20.21
CA GLN A 36 2.59 -13.63 21.44
CA GLN A 36 2.56 -13.65 21.43
C GLN A 36 2.24 -12.82 22.67
N GLN A 37 2.30 -11.49 22.56
CA GLN A 37 1.99 -10.62 23.68
C GLN A 37 0.50 -10.47 23.93
N ASP A 38 -0.32 -10.49 22.87
CA ASP A 38 -1.77 -10.37 23.01
C ASP A 38 -2.40 -11.22 21.90
N GLU A 39 -2.82 -12.44 22.25
N GLU A 39 -2.83 -12.44 22.25
CA GLU A 39 -3.34 -13.38 21.27
CA GLU A 39 -3.34 -13.38 21.26
C GLU A 39 -4.56 -12.85 20.52
C GLU A 39 -4.54 -12.82 20.50
N ARG A 40 -5.29 -11.91 21.11
CA ARG A 40 -6.47 -11.37 20.45
C ARG A 40 -6.13 -10.59 19.19
N LEU A 41 -4.89 -10.10 19.06
CA LEU A 41 -4.48 -9.30 17.93
C LEU A 41 -4.21 -10.10 16.66
N ALA A 42 -4.25 -11.44 16.72
CA ALA A 42 -4.05 -12.23 15.51
C ALA A 42 -5.05 -11.86 14.42
N LYS A 43 -6.30 -11.59 14.81
CA LYS A 43 -7.32 -11.29 13.81
C LYS A 43 -7.08 -9.96 13.09
N ALA A 44 -6.29 -9.07 13.67
CA ALA A 44 -5.96 -7.79 13.05
C ALA A 44 -4.83 -7.86 12.04
N MET A 45 -4.09 -8.98 11.99
CA MET A 45 -2.91 -9.05 11.14
C MET A 45 -3.29 -9.29 9.68
N VAL A 46 -2.68 -8.50 8.79
CA VAL A 46 -2.92 -8.68 7.35
C VAL A 46 -2.20 -9.94 6.85
N SER A 47 -2.76 -10.57 5.83
N SER A 47 -2.80 -10.60 5.86
CA SER A 47 -2.20 -11.81 5.30
CA SER A 47 -2.21 -11.81 5.30
C SER A 47 -0.88 -11.55 4.57
C SER A 47 -0.93 -11.47 4.53
N ASP A 48 0.01 -12.55 4.62
N ASP A 48 0.08 -12.33 4.66
CA ASP A 48 1.37 -12.41 4.08
CA ASP A 48 1.35 -12.04 3.99
C ASP A 48 1.42 -12.49 2.55
C ASP A 48 1.22 -12.00 2.48
N GLY A 49 0.29 -12.76 1.90
CA GLY A 49 0.14 -12.65 0.45
C GLY A 49 -0.30 -11.29 -0.01
N SER A 50 -0.75 -10.42 0.91
CA SER A 50 -1.29 -9.10 0.57
C SER A 50 -0.28 -7.97 0.73
N PHE A 51 0.91 -8.22 1.27
CA PHE A 51 1.85 -7.13 1.61
C PHE A 51 2.13 -6.26 0.37
N HIS A 52 2.00 -4.95 0.52
CA HIS A 52 2.12 -4.05 -0.62
C HIS A 52 2.27 -2.62 -0.10
N ILE A 53 2.67 -1.72 -1.01
CA ILE A 53 2.63 -0.27 -0.80
C ILE A 53 1.56 0.31 -1.71
N THR A 54 0.60 1.04 -1.13
CA THR A 54 -0.42 1.70 -1.93
C THR A 54 0.13 3.02 -2.49
N LEU A 55 0.00 3.23 -3.80
N LEU A 55 -0.05 3.22 -3.80
CA LEU A 55 0.43 4.51 -4.37
CA LEU A 55 0.43 4.40 -4.50
C LEU A 55 -0.70 5.51 -4.55
C LEU A 55 -0.65 5.43 -4.76
N LEU A 56 -1.92 5.03 -4.79
CA LEU A 56 -3.06 5.89 -5.11
C LEU A 56 -4.33 5.07 -4.90
N VAL A 57 -5.35 5.66 -4.26
CA VAL A 57 -6.67 5.05 -4.17
C VAL A 57 -7.62 5.80 -5.10
N MET A 58 -8.67 5.12 -5.58
CA MET A 58 -9.58 5.73 -6.56
C MET A 58 -10.91 4.97 -6.60
N GLN A 59 -11.92 5.60 -7.22
CA GLN A 59 -13.23 5.02 -7.42
C GLN A 59 -13.46 4.77 -8.91
N LEU A 60 -13.72 3.51 -9.29
CA LEU A 60 -14.04 3.13 -10.67
C LEU A 60 -15.35 2.38 -10.61
N LEU A 61 -16.43 2.95 -11.19
CA LEU A 61 -17.78 2.49 -10.85
C LEU A 61 -18.46 1.63 -11.89
N ASN A 62 -17.92 1.52 -13.08
CA ASN A 62 -18.49 0.65 -14.11
C ASN A 62 -17.35 0.14 -15.00
N GLU A 63 -17.71 -0.65 -16.00
CA GLU A 63 -16.71 -1.23 -16.90
C GLU A 63 -15.92 -0.14 -17.63
N ASP A 64 -16.60 0.91 -18.08
CA ASP A 64 -15.91 2.00 -18.77
C ASP A 64 -14.89 2.66 -17.86
N GLU A 65 -15.25 2.92 -16.60
CA GLU A 65 -14.32 3.56 -15.67
C GLU A 65 -13.14 2.64 -15.35
N VAL A 66 -13.36 1.33 -15.21
CA VAL A 66 -12.23 0.42 -15.02
C VAL A 66 -11.29 0.49 -16.23
N ASN A 67 -11.87 0.48 -17.45
CA ASN A 67 -11.05 0.57 -18.65
C ASN A 67 -10.24 1.87 -18.71
N ILE A 68 -10.83 2.98 -18.23
CA ILE A 68 -10.11 4.24 -18.18
C ILE A 68 -8.97 4.19 -17.16
N GLY A 69 -9.20 3.51 -16.02
CA GLY A 69 -8.13 3.33 -15.06
C GLY A 69 -6.99 2.49 -15.61
N ILE A 70 -7.32 1.44 -16.36
CA ILE A 70 -6.29 0.66 -17.05
C ILE A 70 -5.49 1.55 -18.00
N ASP A 71 -6.18 2.36 -18.80
CA ASP A 71 -5.49 3.27 -19.73
C ASP A 71 -4.54 4.18 -18.98
N ALA A 72 -5.01 4.74 -17.85
CA ALA A 72 -4.20 5.67 -17.08
C ALA A 72 -2.94 5.01 -16.54
N LEU A 73 -3.04 3.75 -16.10
CA LEU A 73 -1.84 3.05 -15.63
C LEU A 73 -0.85 2.81 -16.77
N LEU A 74 -1.34 2.35 -17.93
CA LEU A 74 -0.43 2.14 -19.05
C LEU A 74 0.26 3.44 -19.46
N GLU A 75 -0.49 4.54 -19.41
CA GLU A 75 0.07 5.84 -19.79
C GLU A 75 1.04 6.38 -18.74
N LEU A 76 1.00 5.85 -17.51
CA LEU A 76 1.89 6.32 -16.46
C LEU A 76 3.33 5.86 -16.68
N LYS A 77 3.52 4.72 -17.35
CA LYS A 77 4.86 4.14 -17.49
C LYS A 77 5.90 5.11 -18.06
N PRO A 78 5.67 5.80 -19.18
N PRO A 78 5.67 5.80 -19.18
CA PRO A 78 6.71 6.71 -19.69
CA PRO A 78 6.71 6.72 -19.69
C PRO A 78 7.07 7.83 -18.73
C PRO A 78 7.06 7.82 -18.71
N PHE A 79 6.11 8.30 -17.92
CA PHE A 79 6.44 9.33 -16.93
C PHE A 79 7.42 8.79 -15.89
N ILE A 80 7.20 7.55 -15.42
CA ILE A 80 8.11 6.96 -14.45
C ILE A 80 9.49 6.72 -15.07
N GLU A 81 9.53 6.17 -16.29
CA GLU A 81 10.81 5.92 -16.94
C GLU A 81 11.60 7.21 -17.15
N GLU A 82 10.92 8.31 -17.48
N GLU A 82 10.92 8.32 -17.45
CA GLU A 82 11.62 9.58 -17.65
CA GLU A 82 11.62 9.60 -17.60
C GLU A 82 12.19 10.08 -16.34
C GLU A 82 12.17 10.08 -16.27
N LEU A 83 11.50 9.85 -15.23
N LEU A 83 11.46 9.83 -15.16
CA LEU A 83 12.01 10.26 -13.92
CA LEU A 83 11.94 10.24 -13.85
C LEU A 83 13.24 9.47 -13.53
C LEU A 83 13.16 9.45 -13.42
N LEU A 84 13.20 8.15 -13.70
CA LEU A 84 14.24 7.28 -13.17
C LEU A 84 15.42 7.07 -14.09
N GLN A 85 15.25 7.27 -15.40
CA GLN A 85 16.34 7.18 -16.37
C GLN A 85 17.08 5.84 -16.29
N GLY A 86 16.32 4.76 -16.08
CA GLY A 86 16.86 3.41 -16.10
C GLY A 86 17.52 2.94 -14.84
N LYS A 87 17.69 3.80 -13.84
CA LYS A 87 18.31 3.39 -12.59
C LYS A 87 17.25 2.85 -11.64
N HIS A 88 17.62 1.82 -10.87
CA HIS A 88 16.71 1.25 -9.89
C HIS A 88 16.27 2.32 -8.89
N LEU A 89 14.98 2.32 -8.56
CA LEU A 89 14.48 3.03 -7.40
C LEU A 89 14.39 2.01 -6.26
N THR A 90 15.28 2.14 -5.29
CA THR A 90 15.39 1.17 -4.20
C THR A 90 14.71 1.74 -2.97
N LEU A 91 13.73 1.00 -2.42
CA LEU A 91 12.89 1.46 -1.32
C LEU A 91 13.25 0.71 -0.04
N PRO A 92 14.00 1.31 0.89
CA PRO A 92 14.33 0.63 2.14
C PRO A 92 13.27 0.88 3.20
N PHE A 93 12.98 -0.15 4.00
CA PHE A 93 11.96 -0.08 5.04
C PHE A 93 12.58 -0.10 6.43
N GLN A 94 12.20 0.90 7.25
CA GLN A 94 12.71 1.07 8.62
C GLN A 94 11.82 2.10 9.34
N GLY A 95 11.43 1.79 10.58
CA GLY A 95 10.54 2.66 11.34
C GLY A 95 9.13 2.10 11.37
N ILE A 96 8.46 2.22 12.51
CA ILE A 96 7.10 1.73 12.68
C ILE A 96 6.24 2.89 13.16
N GLY A 97 5.06 3.04 12.57
CA GLY A 97 4.12 4.05 13.00
C GLY A 97 2.70 3.54 12.91
N THR A 98 1.77 4.38 13.32
CA THR A 98 0.36 4.07 13.24
C THR A 98 -0.41 5.25 12.68
N PHE A 99 -1.56 4.96 12.09
CA PHE A 99 -2.57 5.97 11.77
C PHE A 99 -3.69 5.83 12.80
N GLY A 100 -3.91 6.89 13.58
CA GLY A 100 -4.96 6.89 14.59
C GLY A 100 -4.89 5.79 15.62
N ASN A 101 -3.70 5.22 15.84
CA ASN A 101 -3.52 4.05 16.69
C ASN A 101 -4.41 2.87 16.28
N GLN A 102 -4.82 2.84 15.01
CA GLN A 102 -5.69 1.80 14.48
C GLN A 102 -5.07 0.97 13.37
N VAL A 103 -4.17 1.57 12.58
CA VAL A 103 -3.46 0.87 11.52
C VAL A 103 -1.98 0.93 11.86
N GLY A 104 -1.31 -0.22 11.87
CA GLY A 104 0.12 -0.29 12.15
C GLY A 104 0.89 -0.62 10.89
N PHE A 105 1.98 0.12 10.65
CA PHE A 105 2.72 -0.02 9.39
C PHE A 105 4.22 0.14 9.62
N VAL A 106 5.00 -0.43 8.69
CA VAL A 106 6.43 -0.17 8.60
C VAL A 106 6.65 0.96 7.60
N LYS A 107 7.53 1.89 7.95
CA LYS A 107 7.76 3.10 7.18
C LYS A 107 8.87 2.91 6.15
N LEU A 108 8.84 3.77 5.15
CA LEU A 108 9.97 3.93 4.24
CA LEU A 108 9.98 3.91 4.25
C LEU A 108 11.04 4.75 4.95
N ALA A 109 12.28 4.25 4.92
CA ALA A 109 13.37 5.00 5.54
C ALA A 109 13.61 6.31 4.80
N GLU A 110 14.12 7.30 5.53
N GLU A 110 14.14 7.30 5.51
CA GLU A 110 14.42 8.59 4.93
CA GLU A 110 14.39 8.60 4.93
C GLU A 110 15.50 8.45 3.87
C GLU A 110 15.55 8.53 3.93
N GLY A 111 15.45 9.33 2.87
CA GLY A 111 16.46 9.33 1.83
C GLY A 111 15.89 9.88 0.54
N ASP A 112 16.76 9.93 -0.48
CA ASP A 112 16.38 10.53 -1.75
C ASP A 112 15.29 9.75 -2.47
N HIS A 113 15.18 8.44 -2.18
CA HIS A 113 14.12 7.64 -2.81
C HIS A 113 12.74 8.13 -2.39
N VAL A 114 12.61 8.77 -1.23
CA VAL A 114 11.31 9.22 -0.75
C VAL A 114 10.71 10.25 -1.71
N ASN A 115 11.48 11.30 -2.02
CA ASN A 115 10.98 12.32 -2.93
C ASN A 115 10.71 11.75 -4.32
N SER A 116 11.50 10.77 -4.75
CA SER A 116 11.26 10.12 -6.04
C SER A 116 9.92 9.39 -6.05
N LEU A 117 9.65 8.61 -4.99
CA LEU A 117 8.38 7.91 -4.91
C LEU A 117 7.21 8.88 -4.75
N LEU A 118 7.41 9.96 -3.99
CA LEU A 118 6.36 10.96 -3.84
C LEU A 118 6.01 11.62 -5.17
N GLU A 119 7.03 11.89 -6.00
N GLU A 119 7.02 11.90 -6.01
CA GLU A 119 6.78 12.46 -7.33
CA GLU A 119 6.72 12.48 -7.31
C GLU A 119 5.96 11.51 -8.19
C GLU A 119 5.94 11.50 -8.19
N ILE A 120 6.27 10.21 -8.13
CA ILE A 120 5.50 9.22 -8.87
C ILE A 120 4.05 9.20 -8.40
N ALA A 121 3.84 9.22 -7.07
CA ALA A 121 2.48 9.19 -6.54
C ALA A 121 1.70 10.43 -6.95
N GLU A 122 2.34 11.60 -6.94
CA GLU A 122 1.66 12.82 -7.33
C GLU A 122 1.34 12.84 -8.83
N THR A 123 2.24 12.29 -9.65
CA THR A 123 1.95 12.21 -11.08
C THR A 123 0.77 11.27 -11.34
N ALA A 124 0.71 10.16 -10.61
CA ALA A 124 -0.43 9.26 -10.74
C ALA A 124 -1.72 9.95 -10.35
N ASN A 125 -1.71 10.65 -9.20
CA ASN A 125 -2.90 11.38 -8.75
C ASN A 125 -3.39 12.34 -9.83
N ARG A 126 -2.48 13.16 -10.37
CA ARG A 126 -2.88 14.17 -11.36
C ARG A 126 -3.38 13.54 -12.65
N THR A 127 -2.63 12.58 -13.20
CA THR A 127 -3.01 12.04 -14.52
C THR A 127 -4.29 11.22 -14.44
N PHE A 128 -4.51 10.50 -13.33
CA PHE A 128 -5.78 9.79 -13.18
C PHE A 128 -6.94 10.75 -13.03
N GLN A 129 -6.77 11.83 -12.26
CA GLN A 129 -7.84 12.80 -12.10
C GLN A 129 -8.17 13.50 -13.41
N GLU A 130 -7.18 13.72 -14.27
CA GLU A 130 -7.44 14.40 -15.53
C GLU A 130 -8.24 13.54 -16.50
N LYS A 131 -8.31 12.24 -16.28
CA LYS A 131 -9.18 11.37 -17.05
C LYS A 131 -10.60 11.32 -16.49
N GLY A 132 -10.89 12.12 -15.46
CA GLY A 132 -12.21 12.17 -14.88
C GLY A 132 -12.44 11.23 -13.73
N ILE A 133 -11.39 10.54 -13.25
CA ILE A 133 -11.51 9.59 -12.15
C ILE A 133 -11.45 10.34 -10.82
N LEU A 134 -12.32 9.97 -9.88
CA LEU A 134 -12.23 10.48 -8.52
C LEU A 134 -11.15 9.69 -7.77
N VAL A 135 -10.20 10.41 -7.17
CA VAL A 135 -9.02 9.81 -6.58
C VAL A 135 -8.79 10.37 -5.18
N GLY A 136 -7.90 9.71 -4.44
CA GLY A 136 -7.36 10.25 -3.21
C GLY A 136 -8.25 10.00 -2.00
N GLU A 137 -7.80 10.55 -0.88
CA GLU A 137 -8.51 10.41 0.39
C GLU A 137 -8.10 11.54 1.31
N SER A 138 -8.79 11.66 2.44
CA SER A 138 -8.53 12.77 3.35
C SER A 138 -7.19 12.60 4.07
N ARG A 139 -6.82 11.36 4.39
CA ARG A 139 -5.53 11.09 5.01
C ARG A 139 -4.41 11.53 4.07
N SER A 140 -3.43 12.24 4.61
CA SER A 140 -2.29 12.71 3.83
C SER A 140 -1.47 11.52 3.35
N PHE A 141 -1.01 11.58 2.10
CA PHE A 141 -0.31 10.43 1.53
C PHE A 141 1.06 10.25 2.18
N LYS A 142 1.35 9.02 2.57
CA LYS A 142 2.56 8.64 3.27
C LYS A 142 2.83 7.19 2.91
N PRO A 143 3.86 6.89 2.10
CA PRO A 143 4.10 5.50 1.71
C PRO A 143 4.38 4.62 2.92
N HIS A 144 3.74 3.45 2.95
CA HIS A 144 3.84 2.60 4.14
C HIS A 144 3.44 1.18 3.79
N LEU A 145 3.95 0.23 4.60
CA LEU A 145 3.65 -1.19 4.47
C LEU A 145 2.82 -1.61 5.70
N THR A 146 1.50 -1.70 5.53
CA THR A 146 0.62 -2.05 6.64
C THR A 146 0.79 -3.51 7.04
N PHE A 147 0.88 -3.76 8.35
CA PHE A 147 0.91 -5.11 8.87
C PHE A 147 -0.27 -5.47 9.76
N MET A 148 -1.02 -4.49 10.27
CA MET A 148 -2.20 -4.79 11.07
C MET A 148 -3.22 -3.66 11.00
N LYS A 149 -4.49 -4.02 11.12
CA LYS A 149 -5.60 -3.06 11.11
C LYS A 149 -6.63 -3.51 12.13
N LEU A 150 -6.87 -2.69 13.17
CA LEU A 150 -7.92 -3.04 14.14
C LEU A 150 -9.31 -3.15 13.50
N SER A 151 -9.54 -2.48 12.37
CA SER A 151 -10.83 -2.58 11.68
C SER A 151 -11.10 -4.00 11.18
N LYS A 152 -10.08 -4.85 11.08
CA LYS A 152 -10.29 -6.25 10.75
C LYS A 152 -10.86 -7.03 11.92
N SER A 153 -10.83 -6.47 13.13
CA SER A 153 -11.37 -7.13 14.32
C SER A 153 -12.34 -6.18 15.02
N PRO A 154 -13.49 -5.90 14.40
CA PRO A 154 -14.42 -4.92 14.99
C PRO A 154 -15.00 -5.33 16.34
N TRP A 155 -15.18 -6.62 16.60
CA TRP A 155 -15.72 -7.02 17.90
C TRP A 155 -14.70 -6.73 19.01
N LEU A 156 -13.41 -6.98 18.74
CA LEU A 156 -12.37 -6.71 19.71
C LEU A 156 -12.30 -5.23 20.07
N ARG A 157 -12.53 -4.35 19.10
N ARG A 157 -12.53 -4.35 19.10
CA ARG A 157 -12.48 -2.91 19.37
CA ARG A 157 -12.48 -2.91 19.37
C ARG A 157 -13.53 -2.49 20.40
C ARG A 157 -13.53 -2.49 20.39
N LYS A 158 -14.64 -3.22 20.47
CA LYS A 158 -15.70 -2.94 21.45
C LYS A 158 -15.54 -3.75 22.73
N ASN A 159 -14.54 -4.63 22.80
CA ASN A 159 -14.43 -5.58 23.91
C ASN A 159 -12.99 -5.69 24.41
N GLY A 160 -12.29 -4.56 24.49
CA GLY A 160 -11.01 -4.56 25.17
C GLY A 160 -9.83 -3.87 24.51
N VAL A 161 -9.80 -3.78 23.18
CA VAL A 161 -8.64 -3.24 22.45
C VAL A 161 -9.13 -2.20 21.46
N LYS A 162 -9.14 -0.93 21.88
CA LYS A 162 -9.50 0.18 20.99
C LYS A 162 -8.32 0.79 20.26
N LYS A 163 -7.10 0.60 20.75
CA LYS A 163 -5.91 1.22 20.17
C LYS A 163 -4.76 0.22 20.21
N ILE A 164 -3.81 0.41 19.30
CA ILE A 164 -2.58 -0.38 19.27
C ILE A 164 -1.60 0.20 20.28
N ASP A 165 -1.19 -0.61 21.24
CA ASP A 165 -0.19 -0.20 22.23
C ASP A 165 1.19 -0.19 21.57
N PRO A 166 1.85 0.97 21.44
CA PRO A 166 3.18 0.99 20.79
C PRO A 166 4.22 0.11 21.47
N ASP A 167 4.06 -0.18 22.77
CA ASP A 167 5.03 -1.05 23.44
C ASP A 167 5.11 -2.42 22.78
N LEU A 168 4.03 -2.85 22.11
CA LEU A 168 3.99 -4.17 21.48
C LEU A 168 5.08 -4.36 20.44
N TYR A 169 5.48 -3.29 19.75
CA TYR A 169 6.45 -3.37 18.66
C TYR A 169 7.78 -2.68 18.97
N GLU A 170 8.03 -2.33 20.24
CA GLU A 170 9.19 -1.52 20.56
C GLU A 170 10.52 -2.20 20.19
N LYS A 171 10.59 -3.53 20.24
CA LYS A 171 11.84 -4.19 19.90
C LYS A 171 12.21 -4.07 18.42
N PHE A 172 11.28 -3.62 17.57
CA PHE A 172 11.48 -3.55 16.12
C PHE A 172 11.58 -2.13 15.61
N ILE A 173 11.59 -1.12 16.50
CA ILE A 173 11.42 0.26 16.03
C ILE A 173 12.59 0.79 15.21
N SER A 174 13.79 0.20 15.28
CA SER A 174 14.88 0.62 14.42
C SER A 174 15.32 -0.47 13.44
N HIS A 175 14.64 -1.60 13.41
CA HIS A 175 15.05 -2.72 12.56
C HIS A 175 14.93 -2.36 11.08
N ARG A 176 15.98 -2.67 10.31
CA ARG A 176 15.96 -2.51 8.86
C ARG A 176 15.35 -3.79 8.26
N PHE A 177 14.13 -3.68 7.73
CA PHE A 177 13.42 -4.86 7.25
C PHE A 177 13.92 -5.36 5.90
N GLY A 178 14.55 -4.50 5.09
CA GLY A 178 14.99 -4.85 3.75
C GLY A 178 14.53 -3.82 2.73
N GLU A 179 14.94 -4.03 1.49
CA GLU A 179 14.70 -3.09 0.40
C GLU A 179 13.89 -3.75 -0.73
N GLU A 180 12.99 -2.98 -1.34
CA GLU A 180 12.24 -3.41 -2.51
C GLU A 180 12.60 -2.49 -3.69
N ILE A 181 13.00 -3.07 -4.82
CA ILE A 181 13.26 -2.29 -6.02
C ILE A 181 11.96 -2.14 -6.82
N LEU A 182 11.62 -0.91 -7.19
CA LEU A 182 10.40 -0.68 -7.97
C LEU A 182 10.50 -1.40 -9.32
N TYR A 183 9.51 -2.24 -9.60
CA TYR A 183 9.44 -3.03 -10.83
C TYR A 183 7.99 -3.05 -11.30
N ARG A 184 7.16 -3.90 -10.69
N ARG A 184 7.16 -3.89 -10.68
CA ARG A 184 5.75 -4.00 -11.07
CA ARG A 184 5.75 -4.01 -11.07
C ARG A 184 4.88 -3.01 -10.29
C ARG A 184 4.88 -3.02 -10.29
N ILE A 185 3.89 -2.43 -10.98
CA ILE A 185 2.82 -1.65 -10.37
C ILE A 185 1.51 -2.21 -10.89
N ASP A 186 0.62 -2.63 -9.97
CA ASP A 186 -0.67 -3.23 -10.30
C ASP A 186 -1.81 -2.24 -10.09
N LEU A 187 -2.89 -2.41 -10.87
CA LEU A 187 -4.19 -1.80 -10.58
C LEU A 187 -5.04 -2.89 -9.93
N CYS A 188 -5.33 -2.74 -8.63
CA CYS A 188 -5.96 -3.79 -7.83
C CYS A 188 -7.36 -3.40 -7.40
N SER A 189 -8.23 -4.40 -7.32
CA SER A 189 -9.57 -4.26 -6.77
C SER A 189 -9.56 -4.50 -5.26
N MET A 190 -10.24 -3.63 -4.51
CA MET A 190 -10.38 -3.85 -3.08
C MET A 190 -11.37 -4.94 -2.73
N LEU A 191 -12.44 -5.11 -3.52
CA LEU A 191 -13.54 -5.97 -3.13
C LEU A 191 -13.54 -7.34 -3.78
N LYS A 192 -12.98 -7.47 -4.97
CA LYS A 192 -13.09 -8.74 -5.68
C LYS A 192 -12.33 -9.85 -4.94
N LYS A 193 -12.75 -11.08 -5.22
CA LYS A 193 -12.12 -12.25 -4.63
C LYS A 193 -10.63 -12.25 -4.92
N LYS A 194 -9.83 -12.52 -3.89
CA LYS A 194 -8.40 -12.48 -4.03
C LYS A 194 -7.87 -13.68 -4.82
N GLN A 195 -6.66 -13.54 -5.32
CA GLN A 195 -5.96 -14.62 -6.00
C GLN A 195 -5.64 -15.74 -5.02
N SER A 196 -5.30 -16.91 -5.57
CA SER A 196 -5.03 -18.08 -4.73
C SER A 196 -3.83 -17.87 -3.81
N ASN A 197 -2.91 -16.99 -4.20
CA ASN A 197 -1.74 -16.70 -3.36
C ASN A 197 -2.01 -15.64 -2.30
N GLY A 198 -3.23 -15.12 -2.22
CA GLY A 198 -3.58 -14.13 -1.23
C GLY A 198 -3.46 -12.68 -1.68
N TYR A 199 -2.89 -12.42 -2.85
CA TYR A 199 -2.80 -11.05 -3.35
C TYR A 199 -4.13 -10.64 -3.98
N TYR A 200 -4.32 -9.33 -4.11
CA TYR A 200 -5.55 -8.76 -4.66
C TYR A 200 -5.77 -9.16 -6.11
N HIS A 201 -7.04 -9.22 -6.51
CA HIS A 201 -7.36 -9.31 -7.93
C HIS A 201 -6.83 -8.08 -8.65
N CYS A 202 -6.20 -8.29 -9.80
CA CYS A 202 -5.60 -7.23 -10.60
C CYS A 202 -6.34 -7.05 -11.91
N GLU A 203 -6.59 -5.79 -12.28
CA GLU A 203 -7.20 -5.49 -13.56
C GLU A 203 -6.15 -5.34 -14.66
N SER A 204 -4.97 -4.85 -14.31
CA SER A 204 -3.87 -4.66 -15.25
CA SER A 204 -3.87 -4.66 -15.25
C SER A 204 -2.62 -4.39 -14.43
N SER A 205 -1.49 -4.27 -15.12
CA SER A 205 -0.20 -4.11 -14.47
CA SER A 205 -0.22 -4.05 -14.47
C SER A 205 0.78 -3.52 -15.47
N ILE A 206 1.79 -2.79 -14.98
CA ILE A 206 2.93 -2.34 -15.77
C ILE A 206 4.20 -2.75 -15.05
N VAL A 207 5.30 -2.80 -15.79
CA VAL A 207 6.63 -3.03 -15.22
C VAL A 207 7.53 -1.89 -15.65
N ILE A 208 8.43 -1.49 -14.74
CA ILE A 208 9.36 -0.38 -14.93
C ILE A 208 10.75 -0.95 -15.11
N GLY A 209 11.48 -0.45 -16.11
CA GLY A 209 12.88 -0.82 -16.30
C GLY A 209 13.14 -2.30 -16.51
N GLU A 210 12.26 -2.98 -17.23
CA GLU A 210 12.35 -4.42 -17.38
C GLU A 210 13.52 -4.82 -18.29
N LYS A 211 14.10 -5.98 -18.00
CA LYS A 211 15.23 -6.50 -18.78
C LYS A 211 15.19 -8.02 -18.91
C1 MLI B . -4.36 0.37 3.55
C2 MLI B . -4.23 1.15 4.87
C3 MLI B . -2.98 0.04 2.99
O6 MLI B . -5.25 1.51 5.50
O7 MLI B . -3.09 1.44 5.31
O8 MLI B . -2.47 -1.10 3.20
O9 MLI B . -2.36 0.88 2.30
C1 MLI C . -5.92 -2.31 0.97
C2 MLI C . -7.45 -2.20 1.11
C3 MLI C . -5.35 -1.00 0.45
O6 MLI C . -8.18 -3.03 0.52
O7 MLI C . -7.95 -1.28 1.80
O8 MLI C . -6.10 -0.04 0.11
O9 MLI C . -4.10 -0.86 0.35
C1 MLI D . -5.25 -7.77 3.42
C1 MLI D . -5.40 -7.61 3.52
C2 MLI D . -6.31 -6.72 3.69
C2 MLI D . -6.61 -6.96 2.84
C3 MLI D . -5.73 -9.14 3.87
C3 MLI D . -5.72 -9.04 3.96
O6 MLI D . -6.75 -6.00 2.76
O6 MLI D . -6.49 -5.80 2.37
O7 MLI D . -6.74 -6.56 4.87
O7 MLI D . -7.71 -7.56 2.75
O8 MLI D . -6.45 -9.85 3.13
O8 MLI D . -6.27 -9.85 3.17
O9 MLI D . -5.39 -9.56 5.01
O9 MLI D . -5.41 -9.42 5.13
C1 MLI E . -16.62 -4.70 -7.96
C1 MLI E . -16.91 -4.85 -6.64
C2 MLI E . -17.14 -5.54 -6.79
C2 MLI E . -17.53 -5.92 -7.51
C3 MLI E . -16.64 -3.22 -7.59
C3 MLI E . -17.05 -3.56 -7.40
O6 MLI E . -17.76 -6.62 -6.96
O6 MLI E . -18.16 -6.86 -6.95
O7 MLI E . -16.92 -5.14 -5.63
O7 MLI E . -17.40 -5.83 -8.75
O8 MLI E . -17.12 -2.39 -8.41
O8 MLI E . -16.22 -2.72 -7.07
O9 MLI E . -16.19 -2.81 -6.49
O9 MLI E . -17.93 -3.35 -8.27
C1 MLI F . -12.21 -2.10 5.60
C2 MLI F . -12.12 -2.74 4.21
C3 MLI F . -11.65 -0.66 5.70
O6 MLI F . -12.83 -3.75 3.91
O7 MLI F . -11.33 -2.29 3.34
O8 MLI F . -11.17 -0.02 4.72
O9 MLI F . -11.66 -0.07 6.81
C1 MLI G . 6.26 15.90 -15.02
C2 MLI G . 6.58 16.64 -16.30
C3 MLI G . 6.88 16.86 -14.00
O6 MLI G . 7.68 16.48 -16.89
O7 MLI G . 5.72 17.49 -16.73
O8 MLI G . 7.96 17.44 -14.29
O9 MLI G . 6.29 17.08 -12.92
#